data_7IFG
#
_entry.id   7IFG
#
_cell.length_a   45.400
_cell.length_b   73.370
_cell.length_c   52.740
_cell.angle_alpha   90.00
_cell.angle_beta   109.44
_cell.angle_gamma   90.00
#
_symmetry.space_group_name_H-M   'P 1 21 1'
#
loop_
_entity.id
_entity.type
_entity.pdbx_description
1 polymer Endothiapepsin
2 non-polymer N-ethylazetidine-3-carboxamide
3 non-polymer GLYCEROL
4 non-polymer 'DIMETHYL SULFOXIDE'
5 non-polymer DI(HYDROXYETHYL)ETHER
6 water water
#
_entity_poly.entity_id   1
_entity_poly.type   'polypeptide(L)'
_entity_poly.pdbx_seq_one_letter_code
;STGSATTTPIDSLDDAYITPVQIGTPAQTLNLDFDTGSSDLWVFSSETTASEVDGQTIYTPSKSTTAKLLSGATWSISYG
DGSSSSGDVYTDTVSVGGLTVTGQAVESAKKVSSSFTEDSTIDGLLGLAFSTLNTVSPTQQKTFFDNAKASLDSPVFTAD
LGYHAPGTYNFGFIDTTAYTGSITYTAVSTKQGFWEWTSTGYAVGSGTFKSTSIDGIADTGTTLLYLPATVVSAYWAQVS
GAKSSSSVGGYVFPCSATLPSFTFGVGSARIVIPGDYIDFGPISTGSSSCFGGIQSSAGIGINIFGDVALKAAFVVFNGA
TTPTLGFASK
;
_entity_poly.pdbx_strand_id   A
#
loop_
_chem_comp.id
_chem_comp.type
_chem_comp.name
_chem_comp.formula
A1CGN non-polymer N-ethylazetidine-3-carboxamide 'C6 H12 N2 O'
DMS non-polymer 'DIMETHYL SULFOXIDE' 'C2 H6 O S'
GOL non-polymer GLYCEROL 'C3 H8 O3'
PEG non-polymer DI(HYDROXYETHYL)ETHER 'C4 H10 O3'
#
# COMPACT_ATOMS: atom_id res chain seq x y z
N SER A 1 -14.15 -11.28 -16.28
CA SER A 1 -14.57 -11.16 -14.85
C SER A 1 -14.11 -9.84 -14.25
N THR A 2 -14.69 -9.49 -13.11
CA THR A 2 -14.28 -8.34 -12.32
C THR A 2 -14.45 -8.67 -10.84
N GLY A 3 -13.81 -7.87 -10.00
CA GLY A 3 -14.09 -7.88 -8.58
C GLY A 3 -14.07 -6.47 -8.01
N SER A 4 -14.75 -6.31 -6.89
CA SER A 4 -14.85 -5.00 -6.24
C SER A 4 -15.00 -5.21 -4.75
N ALA A 5 -14.07 -4.64 -3.96
CA ALA A 5 -14.11 -4.81 -2.51
C ALA A 5 -13.85 -3.48 -1.82
N THR A 6 -14.52 -3.28 -0.69
CA THR A 6 -14.32 -2.10 0.14
C THR A 6 -13.10 -2.29 1.03
N THR A 7 -12.28 -1.25 1.14
CA THR A 7 -11.11 -1.22 2.01
C THR A 7 -11.34 -0.17 3.10
N THR A 8 -10.96 -0.52 4.34
CA THR A 8 -11.36 0.24 5.52
C THR A 8 -10.13 0.61 6.34
N PRO A 9 -9.98 1.87 6.76
CA PRO A 9 -8.83 2.21 7.62
CA PRO A 9 -8.83 2.21 7.62
C PRO A 9 -8.87 1.42 8.92
N ILE A 10 -7.68 1.02 9.40
CA ILE A 10 -7.61 0.23 10.63
C ILE A 10 -7.77 1.07 11.89
N ASP A 11 -7.62 2.38 11.78
CA ASP A 11 -7.66 3.27 12.94
C ASP A 11 -7.98 4.68 12.47
N SER A 12 -8.04 5.62 13.42
CA SER A 12 -8.48 6.98 13.13
C SER A 12 -7.43 7.80 12.38
N LEU A 13 -6.24 7.25 12.16
CA LEU A 13 -5.15 7.95 11.49
C LEU A 13 -4.95 7.48 10.06
N ASP A 14 -5.67 6.44 9.62
CA ASP A 14 -5.43 5.81 8.32
C ASP A 14 -4.02 5.19 8.29
N ASP A 15 -3.60 4.56 9.38
CA ASP A 15 -2.26 3.96 9.40
C ASP A 15 -2.10 2.86 8.36
N ALA A 16 -3.20 2.17 8.04
CA ALA A 16 -3.24 1.16 7.00
C ALA A 16 -4.72 0.92 6.71
N TYR A 17 -4.97 0.12 5.68
CA TYR A 17 -6.31 -0.22 5.23
C TYR A 17 -6.42 -1.74 5.13
N ILE A 18 -7.56 -2.28 5.54
CA ILE A 18 -7.82 -3.72 5.47
C ILE A 18 -8.99 -3.99 4.52
N THR A 19 -8.88 -5.10 3.76
CA THR A 19 -9.86 -5.50 2.78
C THR A 19 -10.18 -6.97 3.05
N PRO A 20 -11.46 -7.34 3.13
CA PRO A 20 -11.80 -8.75 3.39
C PRO A 20 -11.51 -9.63 2.18
N VAL A 21 -10.95 -10.80 2.47
CA VAL A 21 -10.53 -11.77 1.45
C VAL A 21 -11.05 -13.14 1.89
N GLN A 22 -11.70 -13.85 0.97
CA GLN A 22 -12.18 -15.21 1.23
C GLN A 22 -11.13 -16.22 0.80
N ILE A 23 -10.73 -17.12 1.72
CA ILE A 23 -9.72 -18.13 1.43
C ILE A 23 -10.28 -19.50 1.79
N GLY A 24 -10.23 -20.44 0.85
CA GLY A 24 -10.57 -21.81 1.15
C GLY A 24 -12.04 -22.16 0.95
N THR A 25 -12.34 -23.44 1.25
CA THR A 25 -13.68 -24.01 1.08
C THR A 25 -14.02 -24.83 2.32
N PRO A 26 -15.05 -24.48 3.10
CA PRO A 26 -15.85 -23.24 3.02
C PRO A 26 -14.97 -22.03 3.24
N ALA A 27 -15.45 -20.86 2.81
CA ALA A 27 -14.63 -19.66 2.88
C ALA A 27 -14.25 -19.35 4.32
N GLN A 28 -12.99 -18.96 4.49
CA GLN A 28 -12.48 -18.33 5.72
C GLN A 28 -12.13 -16.89 5.35
N THR A 29 -12.81 -15.92 5.96
CA THR A 29 -12.61 -14.52 5.63
C THR A 29 -11.58 -13.90 6.57
N LEU A 30 -10.50 -13.39 6.00
CA LEU A 30 -9.44 -12.69 6.69
C LEU A 30 -9.37 -11.27 6.14
N ASN A 31 -8.97 -10.32 6.99
CA ASN A 31 -8.81 -8.92 6.60
C ASN A 31 -7.34 -8.66 6.32
N LEU A 32 -7.02 -8.46 5.03
CA LEU A 32 -5.65 -8.38 4.59
C LEU A 32 -5.30 -6.95 4.19
N ASP A 33 -4.02 -6.61 4.31
CA ASP A 33 -3.49 -5.32 3.90
C ASP A 33 -2.99 -5.45 2.46
N PHE A 34 -3.71 -4.84 1.52
CA PHE A 34 -3.35 -4.89 0.10
C PHE A 34 -2.15 -3.97 -0.12
N ASP A 35 -1.05 -4.53 -0.61
CA ASP A 35 0.24 -3.85 -0.57
C ASP A 35 0.84 -3.85 -1.98
N THR A 36 0.71 -2.72 -2.71
CA THR A 36 1.31 -2.61 -4.04
C THR A 36 2.84 -2.51 -4.01
N GLY A 37 3.45 -2.53 -2.83
CA GLY A 37 4.88 -2.55 -2.64
C GLY A 37 5.50 -3.90 -2.34
N SER A 38 4.73 -4.99 -2.33
CA SER A 38 5.32 -6.31 -2.13
C SER A 38 4.49 -7.31 -2.93
N SER A 39 4.93 -8.58 -2.93
CA SER A 39 4.37 -9.54 -3.88
C SER A 39 4.07 -10.90 -3.24
N ASP A 40 3.87 -10.94 -1.92
CA ASP A 40 3.58 -12.17 -1.19
C ASP A 40 2.18 -12.03 -0.60
N LEU A 41 1.35 -13.06 -0.75
CA LEU A 41 0.07 -13.13 -0.06
C LEU A 41 0.31 -14.06 1.11
N TRP A 42 0.40 -13.49 2.31
CA TRP A 42 0.66 -14.28 3.50
C TRP A 42 -0.37 -13.98 4.58
N VAL A 43 -0.64 -15.00 5.41
CA VAL A 43 -1.67 -14.92 6.44
C VAL A 43 -1.20 -15.50 7.78
N PHE A 44 -1.69 -14.89 8.86
CA PHE A 44 -1.72 -15.58 10.15
C PHE A 44 -2.49 -16.89 10.00
N SER A 45 -2.03 -17.93 10.68
CA SER A 45 -2.62 -19.24 10.42
C SER A 45 -2.58 -20.11 11.67
N SER A 46 -3.13 -21.32 11.54
CA SER A 46 -3.05 -22.32 12.59
C SER A 46 -1.62 -22.78 12.85
N GLU A 47 -0.68 -22.43 11.97
CA GLU A 47 0.74 -22.76 12.10
C GLU A 47 1.55 -21.65 12.74
N THR A 48 0.98 -20.47 12.95
CA THR A 48 1.73 -19.37 13.53
C THR A 48 2.00 -19.64 15.01
N THR A 49 3.28 -19.50 15.41
CA THR A 49 3.68 -19.57 16.80
C THR A 49 2.65 -18.89 17.69
N ALA A 50 2.11 -19.66 18.65
CA ALA A 50 0.95 -19.20 19.41
C ALA A 50 1.22 -17.88 20.12
N SER A 51 2.42 -17.73 20.70
CA SER A 51 2.74 -16.51 21.42
C SER A 51 2.80 -15.28 20.51
N GLU A 52 2.81 -15.48 19.19
CA GLU A 52 2.90 -14.38 18.23
C GLU A 52 1.55 -14.02 17.61
N VAL A 53 0.47 -14.66 18.07
CA VAL A 53 -0.89 -14.34 17.65
C VAL A 53 -1.58 -13.63 18.81
N ASP A 54 -2.15 -12.44 18.53
CA ASP A 54 -2.83 -11.64 19.57
C ASP A 54 -4.06 -10.95 18.94
N GLY A 55 -5.11 -11.74 18.72
CA GLY A 55 -6.39 -11.21 18.24
C GLY A 55 -6.65 -11.35 16.76
N GLN A 56 -5.64 -11.74 15.97
CA GLN A 56 -5.87 -11.87 14.53
C GLN A 56 -6.75 -13.08 14.24
N THR A 57 -7.46 -13.01 13.12
CA THR A 57 -8.15 -14.16 12.56
C THR A 57 -7.16 -15.00 11.76
N ILE A 58 -7.18 -16.31 11.96
CA ILE A 58 -6.21 -17.22 11.37
C ILE A 58 -6.88 -18.06 10.29
N TYR A 59 -6.10 -18.37 9.26
CA TYR A 59 -6.42 -19.36 8.24
C TYR A 59 -6.01 -20.75 8.76
N THR A 60 -6.92 -21.71 8.67
CA THR A 60 -6.64 -23.09 9.09
C THR A 60 -6.73 -23.97 7.85
N PRO A 61 -5.62 -24.31 7.20
CA PRO A 61 -5.73 -25.06 5.95
C PRO A 61 -6.39 -26.42 6.11
N SER A 62 -6.28 -27.05 7.29
CA SER A 62 -6.83 -28.38 7.48
C SER A 62 -8.34 -28.39 7.43
N LYS A 63 -8.97 -27.22 7.57
CA LYS A 63 -10.42 -27.08 7.49
C LYS A 63 -10.89 -26.67 6.10
N SER A 64 -9.99 -26.51 5.15
CA SER A 64 -10.33 -26.19 3.78
C SER A 64 -10.17 -27.41 2.88
N THR A 65 -11.27 -27.79 2.21
CA THR A 65 -11.24 -28.96 1.34
C THR A 65 -10.47 -28.73 0.05
N THR A 66 -10.14 -27.48 -0.28
CA THR A 66 -9.41 -27.14 -1.48
C THR A 66 -7.95 -26.79 -1.20
N ALA A 67 -7.54 -26.77 0.07
CA ALA A 67 -6.15 -26.50 0.39
C ALA A 67 -5.24 -27.68 0.09
N LYS A 68 -4.07 -27.40 -0.48
CA LYS A 68 -3.05 -28.40 -0.75
CA LYS A 68 -3.05 -28.40 -0.75
C LYS A 68 -1.70 -27.83 -0.38
N LEU A 69 -0.92 -28.58 0.39
CA LEU A 69 0.43 -28.15 0.72
C LEU A 69 1.23 -28.06 -0.57
N LEU A 70 1.95 -26.95 -0.75
CA LEU A 70 2.91 -26.82 -1.84
C LEU A 70 4.23 -27.40 -1.32
N SER A 71 4.47 -28.66 -1.68
CA SER A 71 5.51 -29.44 -1.02
CA SER A 71 5.51 -29.43 -1.01
C SER A 71 6.89 -28.81 -1.20
N GLY A 72 7.59 -28.62 -0.09
CA GLY A 72 8.94 -28.11 -0.10
C GLY A 72 9.06 -26.61 -0.13
N ALA A 73 7.96 -25.89 -0.32
CA ALA A 73 8.05 -24.44 -0.53
C ALA A 73 8.09 -23.72 0.82
N THR A 74 8.97 -22.73 0.92
CA THR A 74 9.01 -21.85 2.07
C THR A 74 9.09 -20.41 1.59
N TRP A 75 8.88 -19.50 2.52
CA TRP A 75 8.93 -18.08 2.21
C TRP A 75 9.47 -17.35 3.42
N SER A 76 10.06 -16.18 3.15
CA SER A 76 10.60 -15.34 4.22
C SER A 76 10.77 -13.94 3.65
N ILE A 77 10.23 -12.93 4.35
CA ILE A 77 10.19 -11.57 3.82
C ILE A 77 10.53 -10.58 4.90
N SER A 78 11.23 -9.52 4.50
CA SER A 78 11.64 -8.43 5.37
C SER A 78 11.22 -7.14 4.71
N TYR A 79 10.45 -6.33 5.44
CA TYR A 79 9.89 -5.11 4.88
C TYR A 79 10.70 -3.88 5.28
N GLY A 80 10.46 -2.78 4.56
CA GLY A 80 11.22 -1.55 4.75
C GLY A 80 11.14 -0.96 6.13
N ASP A 81 10.08 -1.28 6.89
CA ASP A 81 9.93 -0.80 8.25
C ASP A 81 10.60 -1.71 9.29
N GLY A 82 11.36 -2.71 8.86
CA GLY A 82 12.03 -3.60 9.78
C GLY A 82 11.22 -4.79 10.22
N SER A 83 9.96 -4.91 9.81
CA SER A 83 9.15 -6.07 10.18
C SER A 83 9.45 -7.24 9.24
N SER A 84 8.99 -8.43 9.64
CA SER A 84 9.28 -9.66 8.90
C SER A 84 8.30 -10.76 9.27
N SER A 85 8.25 -11.78 8.41
CA SER A 85 7.45 -12.97 8.65
C SER A 85 7.97 -14.09 7.74
N SER A 86 7.60 -15.32 8.05
CA SER A 86 8.08 -16.46 7.28
C SER A 86 7.21 -17.69 7.57
N GLY A 87 7.30 -18.67 6.68
CA GLY A 87 6.54 -19.90 6.89
C GLY A 87 6.57 -20.83 5.68
N ASP A 88 5.51 -21.61 5.52
CA ASP A 88 5.37 -22.57 4.43
C ASP A 88 4.18 -22.15 3.56
N VAL A 89 3.82 -22.96 2.59
CA VAL A 89 2.93 -22.50 1.51
C VAL A 89 1.89 -23.56 1.19
N TYR A 90 0.65 -23.12 1.04
CA TYR A 90 -0.45 -23.89 0.50
C TYR A 90 -0.92 -23.24 -0.80
N THR A 91 -1.57 -24.01 -1.65
CA THR A 91 -2.42 -23.42 -2.67
C THR A 91 -3.88 -23.60 -2.24
N ASP A 92 -4.70 -22.61 -2.59
CA ASP A 92 -6.11 -22.64 -2.23
C ASP A 92 -6.86 -21.65 -3.11
N THR A 93 -8.18 -21.73 -3.02
CA THR A 93 -9.05 -20.78 -3.70
C THR A 93 -9.14 -19.50 -2.92
N VAL A 94 -8.91 -18.37 -3.60
CA VAL A 94 -8.92 -17.05 -2.97
C VAL A 94 -9.85 -16.15 -3.77
N SER A 95 -10.76 -15.47 -3.07
CA SER A 95 -11.71 -14.57 -3.72
C SER A 95 -11.64 -13.19 -3.09
N VAL A 96 -11.69 -12.16 -3.93
CA VAL A 96 -11.68 -10.75 -3.53
C VAL A 96 -12.85 -10.08 -4.20
N GLY A 97 -13.83 -9.65 -3.42
CA GLY A 97 -14.91 -8.87 -3.99
C GLY A 97 -15.64 -9.55 -5.13
N GLY A 98 -15.78 -10.88 -5.07
CA GLY A 98 -16.46 -11.65 -6.09
C GLY A 98 -15.57 -12.21 -7.20
N LEU A 99 -14.30 -11.84 -7.24
CA LEU A 99 -13.35 -12.35 -8.22
C LEU A 99 -12.57 -13.51 -7.60
N THR A 100 -12.58 -14.66 -8.26
CA THR A 100 -12.04 -15.90 -7.68
C THR A 100 -10.83 -16.38 -8.46
N VAL A 101 -9.76 -16.72 -7.74
CA VAL A 101 -8.57 -17.36 -8.30
C VAL A 101 -8.44 -18.73 -7.66
N THR A 102 -8.37 -19.78 -8.48
CA THR A 102 -8.04 -21.11 -7.96
C THR A 102 -6.53 -21.32 -8.04
N GLY A 103 -6.02 -22.12 -7.12
CA GLY A 103 -4.60 -22.42 -7.08
C GLY A 103 -3.71 -21.27 -6.65
N GLN A 104 -4.23 -20.30 -5.93
CA GLN A 104 -3.40 -19.20 -5.45
C GLN A 104 -2.46 -19.68 -4.35
N ALA A 105 -1.21 -19.23 -4.41
CA ALA A 105 -0.27 -19.49 -3.32
C ALA A 105 -0.66 -18.65 -2.12
N VAL A 106 -0.99 -19.34 -1.02
CA VAL A 106 -1.34 -18.73 0.25
C VAL A 106 -0.21 -19.08 1.20
N GLU A 107 0.56 -18.08 1.57
CA GLU A 107 1.76 -18.27 2.37
C GLU A 107 1.37 -18.25 3.84
N SER A 108 1.54 -19.39 4.52
CA SER A 108 1.11 -19.54 5.90
C SER A 108 2.27 -19.17 6.82
N ALA A 109 2.02 -18.22 7.75
CA ALA A 109 3.07 -17.76 8.63
C ALA A 109 3.32 -18.77 9.75
N LYS A 110 4.57 -19.18 9.90
CA LYS A 110 5.03 -19.84 11.12
C LYS A 110 5.58 -18.84 12.13
N LYS A 111 6.17 -17.75 11.66
CA LYS A 111 6.72 -16.71 12.52
C LYS A 111 6.34 -15.34 11.96
N VAL A 112 6.04 -14.41 12.87
CA VAL A 112 5.83 -13.01 12.53
C VAL A 112 6.57 -12.16 13.55
N SER A 113 7.03 -10.99 13.12
CA SER A 113 7.73 -10.10 14.03
C SER A 113 6.74 -9.33 14.90
N SER A 114 7.26 -8.65 15.91
CA SER A 114 6.44 -8.07 16.97
C SER A 114 5.40 -7.10 16.43
N SER A 115 5.74 -6.30 15.42
CA SER A 115 4.80 -5.29 14.95
C SER A 115 3.57 -5.92 14.31
N PHE A 116 3.70 -7.11 13.73
CA PHE A 116 2.54 -7.81 13.20
C PHE A 116 1.68 -8.35 14.34
N THR A 117 2.31 -9.01 15.32
CA THR A 117 1.56 -9.49 16.48
C THR A 117 0.78 -8.36 17.13
N GLU A 118 1.42 -7.21 17.27
CA GLU A 118 0.86 -6.10 17.99
C GLU A 118 -0.29 -5.41 17.25
N ASP A 119 -0.50 -5.71 15.97
CA ASP A 119 -1.60 -5.12 15.22
C ASP A 119 -2.68 -6.19 15.01
N SER A 120 -3.65 -6.21 15.92
CA SER A 120 -4.68 -7.24 15.89
C SER A 120 -5.63 -7.10 14.72
N THR A 121 -5.60 -5.97 14.01
CA THR A 121 -6.55 -5.68 12.94
C THR A 121 -6.10 -6.22 11.59
N ILE A 122 -4.85 -6.59 11.42
CA ILE A 122 -4.32 -7.02 10.14
C ILE A 122 -4.01 -8.52 10.21
N ASP A 123 -4.76 -9.32 9.43
CA ASP A 123 -4.61 -10.77 9.42
C ASP A 123 -3.58 -11.28 8.40
N GLY A 124 -2.94 -10.38 7.66
CA GLY A 124 -1.96 -10.75 6.66
C GLY A 124 -1.89 -9.68 5.61
N LEU A 125 -1.08 -9.95 4.58
CA LEU A 125 -0.85 -9.04 3.47
C LEU A 125 -1.21 -9.73 2.16
N LEU A 126 -1.67 -8.93 1.19
CA LEU A 126 -1.93 -9.40 -0.16
C LEU A 126 -1.11 -8.51 -1.08
N GLY A 127 -0.03 -9.07 -1.62
CA GLY A 127 0.90 -8.26 -2.39
C GLY A 127 0.43 -8.06 -3.81
N LEU A 128 0.66 -6.84 -4.33
CA LEU A 128 0.18 -6.42 -5.64
C LEU A 128 1.29 -5.76 -6.46
N ALA A 129 2.54 -5.87 -6.04
CA ALA A 129 3.66 -5.48 -6.89
C ALA A 129 3.91 -6.62 -7.90
N PHE A 130 5.06 -6.59 -8.58
CA PHE A 130 5.30 -7.56 -9.64
C PHE A 130 5.81 -8.88 -9.06
N SER A 131 5.42 -9.99 -9.71
CA SER A 131 5.68 -11.31 -9.12
C SER A 131 7.17 -11.62 -9.02
N THR A 132 8.02 -10.89 -9.72
CA THR A 132 9.46 -11.08 -9.59
C THR A 132 9.96 -10.81 -8.17
N LEU A 133 9.19 -10.12 -7.31
CA LEU A 133 9.58 -9.90 -5.93
C LEU A 133 9.10 -10.98 -4.98
N ASN A 134 8.31 -11.93 -5.45
CA ASN A 134 7.74 -12.92 -4.55
C ASN A 134 8.86 -13.76 -3.94
N THR A 135 8.76 -14.02 -2.63
CA THR A 135 9.85 -14.68 -1.90
C THR A 135 9.74 -16.21 -1.82
N VAL A 136 8.74 -16.85 -2.41
CA VAL A 136 8.64 -18.30 -2.25
C VAL A 136 9.82 -19.00 -2.93
N SER A 137 10.40 -19.96 -2.22
CA SER A 137 11.52 -20.76 -2.69
C SER A 137 11.20 -22.22 -2.47
N PRO A 138 11.63 -23.11 -3.39
CA PRO A 138 12.49 -22.84 -4.55
C PRO A 138 11.75 -22.44 -5.83
N THR A 139 10.42 -22.40 -5.80
CA THR A 139 9.61 -22.08 -6.97
C THR A 139 8.84 -20.80 -6.68
N GLN A 140 9.24 -19.70 -7.30
CA GLN A 140 8.59 -18.42 -7.07
C GLN A 140 7.14 -18.49 -7.52
N GLN A 141 6.27 -17.82 -6.76
CA GLN A 141 4.83 -17.86 -6.99
C GLN A 141 4.32 -16.51 -7.51
N LYS A 142 3.14 -16.55 -8.14
CA LYS A 142 2.51 -15.38 -8.73
C LYS A 142 1.56 -14.68 -7.74
N THR A 143 1.43 -13.37 -7.90
CA THR A 143 0.46 -12.62 -7.11
C THR A 143 -0.97 -12.95 -7.53
N PHE A 144 -1.91 -12.56 -6.67
CA PHE A 144 -3.32 -12.72 -6.98
C PHE A 144 -3.70 -12.00 -8.26
N PHE A 145 -3.18 -10.79 -8.48
CA PHE A 145 -3.49 -10.05 -9.69
C PHE A 145 -2.91 -10.74 -10.91
N ASP A 146 -1.67 -11.23 -10.80
N ASP A 146 -1.67 -11.23 -10.81
CA ASP A 146 -1.04 -11.93 -11.92
CA ASP A 146 -1.09 -11.91 -11.96
C ASP A 146 -1.86 -13.15 -12.31
C ASP A 146 -1.88 -13.16 -12.32
N ASN A 147 -2.32 -13.93 -11.32
CA ASN A 147 -3.11 -15.12 -11.61
C ASN A 147 -4.48 -14.76 -12.20
N ALA A 148 -5.07 -13.65 -11.76
CA ALA A 148 -6.40 -13.27 -12.22
C ALA A 148 -6.40 -12.59 -13.59
N LYS A 149 -5.26 -12.03 -14.03
CA LYS A 149 -5.34 -10.97 -15.04
C LYS A 149 -5.89 -11.46 -16.38
N ALA A 150 -5.53 -12.68 -16.80
CA ALA A 150 -6.03 -13.16 -18.09
C ALA A 150 -7.55 -13.30 -18.08
N SER A 151 -8.15 -13.60 -16.93
CA SER A 151 -9.60 -13.70 -16.81
C SER A 151 -10.31 -12.34 -16.71
N LEU A 152 -9.60 -11.28 -16.36
CA LEU A 152 -10.22 -9.99 -16.13
C LEU A 152 -10.71 -9.35 -17.43
N ASP A 153 -11.77 -8.55 -17.33
CA ASP A 153 -12.27 -7.84 -18.50
C ASP A 153 -11.18 -6.96 -19.09
N SER A 154 -10.40 -6.31 -18.24
CA SER A 154 -9.28 -5.45 -18.62
CA SER A 154 -9.27 -5.48 -18.63
C SER A 154 -8.19 -5.76 -17.60
N PRO A 155 -6.92 -5.79 -18.00
CA PRO A 155 -5.83 -6.24 -17.11
C PRO A 155 -5.35 -5.15 -16.16
N VAL A 156 -6.25 -4.71 -15.28
CA VAL A 156 -6.03 -3.55 -14.42
C VAL A 156 -6.62 -3.80 -13.04
N PHE A 157 -6.09 -3.08 -12.06
CA PHE A 157 -6.78 -2.90 -10.79
C PHE A 157 -6.67 -1.42 -10.40
N THR A 158 -7.60 -0.95 -9.57
CA THR A 158 -7.60 0.44 -9.16
C THR A 158 -7.68 0.55 -7.64
N ALA A 159 -7.00 1.57 -7.12
CA ALA A 159 -7.02 1.89 -5.70
C ALA A 159 -7.67 3.25 -5.52
N ASP A 160 -8.70 3.29 -4.66
CA ASP A 160 -9.44 4.49 -4.35
C ASP A 160 -9.54 4.56 -2.83
N LEU A 161 -8.45 4.97 -2.18
CA LEU A 161 -8.39 5.00 -0.73
C LEU A 161 -9.10 6.24 -0.19
N GLY A 162 -9.80 6.06 0.92
CA GLY A 162 -10.47 7.17 1.57
C GLY A 162 -9.61 7.89 2.59
N TYR A 163 -9.95 9.15 2.82
CA TYR A 163 -9.37 9.94 3.92
C TYR A 163 -10.30 9.78 5.12
N HIS A 164 -9.80 9.12 6.16
CA HIS A 164 -10.58 8.87 7.36
C HIS A 164 -11.95 8.27 7.02
N ALA A 165 -11.97 7.36 6.04
CA ALA A 165 -13.23 6.81 5.53
C ALA A 165 -12.90 5.60 4.66
N PRO A 166 -13.86 4.73 4.41
CA PRO A 166 -13.62 3.58 3.52
C PRO A 166 -13.38 3.98 2.08
N GLY A 167 -12.77 3.05 1.37
CA GLY A 167 -12.47 3.20 -0.05
C GLY A 167 -12.75 1.92 -0.78
N THR A 168 -12.20 1.79 -1.99
CA THR A 168 -12.49 0.68 -2.88
C THR A 168 -11.25 0.21 -3.63
N TYR A 169 -11.11 -1.11 -3.71
CA TYR A 169 -10.23 -1.78 -4.68
C TYR A 169 -11.09 -2.48 -5.73
N ASN A 170 -10.91 -2.11 -6.99
CA ASN A 170 -11.57 -2.78 -8.10
C ASN A 170 -10.56 -3.53 -8.95
N PHE A 171 -10.97 -4.70 -9.45
CA PHE A 171 -10.16 -5.53 -10.34
C PHE A 171 -10.89 -5.70 -11.67
N GLY A 172 -10.21 -5.39 -12.77
CA GLY A 172 -10.73 -5.69 -14.09
C GLY A 172 -11.54 -4.62 -14.77
N PHE A 173 -11.75 -3.46 -14.13
CA PHE A 173 -12.52 -2.40 -14.77
C PHE A 173 -12.21 -1.08 -14.08
N ILE A 174 -12.47 0.01 -14.80
N ILE A 174 -12.45 -0.01 -14.84
CA ILE A 174 -12.25 1.36 -14.31
CA ILE A 174 -12.33 1.37 -14.40
C ILE A 174 -13.62 2.02 -14.15
C ILE A 174 -13.73 1.88 -14.13
N ASP A 175 -13.97 2.36 -12.90
CA ASP A 175 -15.27 2.94 -12.56
C ASP A 175 -15.20 4.41 -12.89
N THR A 176 -15.83 4.80 -14.01
CA THR A 176 -15.72 6.18 -14.48
C THR A 176 -16.51 7.16 -13.62
N THR A 177 -17.33 6.67 -12.68
CA THR A 177 -18.02 7.54 -11.74
C THR A 177 -17.17 7.88 -10.52
N ALA A 178 -15.98 7.28 -10.38
CA ALA A 178 -15.21 7.39 -9.14
C ALA A 178 -14.16 8.50 -9.17
N TYR A 179 -14.09 9.30 -10.23
CA TYR A 179 -13.07 10.32 -10.33
C TYR A 179 -13.63 11.48 -11.13
N THR A 180 -12.94 12.63 -11.03
CA THR A 180 -13.29 13.84 -11.74
C THR A 180 -12.28 14.05 -12.86
N GLY A 181 -12.67 14.77 -13.90
CA GLY A 181 -11.70 15.04 -14.95
C GLY A 181 -11.28 13.76 -15.67
N SER A 182 -10.04 13.76 -16.15
N SER A 182 -10.03 13.76 -16.13
CA SER A 182 -9.48 12.63 -16.88
CA SER A 182 -9.46 12.65 -16.87
C SER A 182 -8.37 11.97 -16.07
C SER A 182 -8.39 11.95 -16.05
N ILE A 183 -8.04 10.75 -16.47
CA ILE A 183 -6.93 10.00 -15.90
C ILE A 183 -5.69 10.31 -16.72
N THR A 184 -4.62 10.70 -16.06
CA THR A 184 -3.33 10.92 -16.72
C THR A 184 -2.45 9.71 -16.47
N TYR A 185 -2.02 9.06 -17.54
CA TYR A 185 -1.16 7.89 -17.45
C TYR A 185 0.30 8.27 -17.61
N THR A 186 1.16 7.51 -16.93
CA THR A 186 2.59 7.78 -16.85
C THR A 186 3.35 6.45 -16.87
N ALA A 187 4.57 6.49 -17.39
CA ALA A 187 5.35 5.27 -17.60
C ALA A 187 5.79 4.64 -16.29
N VAL A 188 5.95 3.31 -16.34
CA VAL A 188 6.36 2.51 -15.18
C VAL A 188 7.62 1.73 -15.57
N SER A 189 8.57 1.70 -14.66
CA SER A 189 9.68 0.76 -14.74
C SER A 189 9.43 -0.38 -13.76
N THR A 190 9.53 -1.62 -14.26
CA THR A 190 9.43 -2.80 -13.42
C THR A 190 10.78 -3.36 -13.01
N LYS A 191 11.87 -2.63 -13.25
CA LYS A 191 13.22 -3.19 -13.06
C LYS A 191 13.52 -3.54 -11.60
N GLN A 192 12.90 -2.88 -10.64
CA GLN A 192 13.04 -3.21 -9.23
C GLN A 192 11.84 -3.99 -8.70
N GLY A 193 10.92 -4.41 -9.57
CA GLY A 193 9.75 -5.14 -9.16
C GLY A 193 8.60 -4.31 -8.62
N PHE A 194 8.74 -2.98 -8.60
CA PHE A 194 7.74 -2.08 -8.04
C PHE A 194 6.97 -1.37 -9.15
N TRP A 195 5.84 -0.74 -8.76
CA TRP A 195 5.16 0.23 -9.63
C TRP A 195 5.90 1.56 -9.52
N GLU A 196 7.03 1.64 -10.23
CA GLU A 196 7.97 2.75 -10.13
C GLU A 196 7.74 3.72 -11.28
N TRP A 197 7.66 5.00 -10.97
CA TRP A 197 7.31 6.02 -11.96
C TRP A 197 8.05 7.30 -11.59
N THR A 198 7.90 8.33 -12.43
CA THR A 198 8.61 9.59 -12.22
C THR A 198 7.61 10.73 -12.16
N SER A 199 7.46 11.33 -10.99
CA SER A 199 6.67 12.54 -10.86
C SER A 199 7.41 13.72 -11.51
N THR A 200 6.63 14.65 -12.04
CA THR A 200 7.16 15.81 -12.75
C THR A 200 7.41 17.02 -11.85
N GLY A 201 7.07 16.98 -10.58
CA GLY A 201 7.47 18.04 -9.67
C GLY A 201 6.47 18.20 -8.54
N TYR A 202 6.55 19.35 -7.88
CA TYR A 202 5.75 19.56 -6.67
C TYR A 202 5.49 21.05 -6.44
N ALA A 203 4.48 21.31 -5.62
CA ALA A 203 4.27 22.63 -5.05
C ALA A 203 3.88 22.48 -3.59
N VAL A 204 4.17 23.51 -2.81
CA VAL A 204 3.79 23.60 -1.40
C VAL A 204 2.71 24.68 -1.25
N GLY A 205 1.56 24.29 -0.70
CA GLY A 205 0.45 25.23 -0.56
C GLY A 205 0.14 25.91 -1.88
N SER A 206 -0.02 27.23 -1.82
CA SER A 206 -0.32 28.06 -2.97
CA SER A 206 -0.33 28.05 -2.99
C SER A 206 0.92 28.48 -3.74
N GLY A 207 2.08 27.93 -3.39
CA GLY A 207 3.33 28.30 -4.04
C GLY A 207 3.40 27.84 -5.49
N THR A 208 4.42 28.34 -6.18
CA THR A 208 4.61 27.99 -7.58
C THR A 208 5.14 26.57 -7.71
N PHE A 209 4.74 25.93 -8.80
CA PHE A 209 5.14 24.56 -9.07
C PHE A 209 6.60 24.50 -9.49
N LYS A 210 7.35 23.60 -8.86
CA LYS A 210 8.74 23.32 -9.18
C LYS A 210 8.79 22.09 -10.08
N SER A 211 9.28 22.29 -11.31
CA SER A 211 9.42 21.20 -12.26
C SER A 211 10.74 20.49 -11.95
N THR A 212 10.64 19.23 -11.53
CA THR A 212 11.80 18.42 -11.22
C THR A 212 11.36 16.96 -11.20
N SER A 213 12.19 16.07 -11.74
CA SER A 213 11.83 14.67 -11.81
C SER A 213 12.05 13.99 -10.46
N ILE A 214 11.04 13.28 -9.97
CA ILE A 214 11.13 12.55 -8.71
C ILE A 214 10.73 11.10 -8.98
N ASP A 215 11.71 10.21 -9.03
CA ASP A 215 11.45 8.78 -9.22
CA ASP A 215 11.44 8.79 -9.23
C ASP A 215 10.98 8.16 -7.92
N GLY A 216 9.87 7.41 -7.95
CA GLY A 216 9.39 6.77 -6.74
C GLY A 216 8.38 5.69 -7.06
N ILE A 217 7.88 5.05 -6.00
CA ILE A 217 6.98 3.90 -6.13
C ILE A 217 5.60 4.23 -5.59
N ALA A 218 4.57 3.72 -6.27
CA ALA A 218 3.20 3.81 -5.78
C ALA A 218 3.00 2.62 -4.85
N ASP A 219 2.87 2.87 -3.54
CA ASP A 219 2.91 1.81 -2.51
C ASP A 219 1.76 1.95 -1.52
N THR A 220 0.67 1.22 -1.75
CA THR A 220 -0.46 1.26 -0.83
C THR A 220 -0.12 0.72 0.56
N GLY A 221 0.98 -0.04 0.68
CA GLY A 221 1.39 -0.63 1.94
C GLY A 221 2.25 0.23 2.83
N THR A 222 2.57 1.44 2.39
CA THR A 222 3.30 2.40 3.20
C THR A 222 2.34 3.53 3.54
N THR A 223 2.37 3.95 4.82
CA THR A 223 1.40 4.93 5.29
C THR A 223 1.67 6.32 4.73
N LEU A 224 2.92 6.75 4.75
CA LEU A 224 3.29 8.13 4.57
C LEU A 224 3.88 8.38 3.18
N LEU A 225 4.19 9.64 2.93
CA LEU A 225 4.81 10.11 1.68
C LEU A 225 6.27 10.41 1.98
N TYR A 226 7.19 9.66 1.35
CA TYR A 226 8.63 9.81 1.56
C TYR A 226 9.27 10.38 0.29
N LEU A 227 9.88 11.56 0.42
CA LEU A 227 10.42 12.30 -0.71
C LEU A 227 11.81 12.83 -0.38
N PRO A 228 12.55 13.32 -1.38
CA PRO A 228 13.92 13.78 -1.10
C PRO A 228 13.94 14.88 -0.05
N ALA A 229 15.08 14.96 0.65
CA ALA A 229 15.20 15.87 1.78
C ALA A 229 15.00 17.33 1.39
N THR A 230 15.38 17.70 0.17
CA THR A 230 15.18 19.07 -0.31
C THR A 230 13.70 19.40 -0.36
N VAL A 231 12.91 18.50 -0.91
CA VAL A 231 11.48 18.70 -1.07
C VAL A 231 10.79 18.77 0.27
N VAL A 232 11.15 17.85 1.17
CA VAL A 232 10.52 17.78 2.49
C VAL A 232 10.86 19.00 3.33
N SER A 233 12.12 19.47 3.26
CA SER A 233 12.49 20.70 3.97
C SER A 233 11.69 21.89 3.45
N ALA A 234 11.51 21.99 2.14
CA ALA A 234 10.70 23.08 1.58
C ALA A 234 9.26 23.05 2.09
N TYR A 235 8.68 21.85 2.24
CA TYR A 235 7.32 21.73 2.77
C TYR A 235 7.25 22.22 4.21
N TRP A 236 8.08 21.63 5.09
CA TRP A 236 7.97 21.92 6.52
C TRP A 236 8.42 23.32 6.89
N ALA A 237 9.23 23.96 6.04
CA ALA A 237 9.58 25.36 6.25
C ALA A 237 8.36 26.27 6.24
N GLN A 238 7.23 25.83 5.68
CA GLN A 238 6.02 26.65 5.65
C GLN A 238 5.13 26.43 6.88
N VAL A 239 5.58 25.66 7.86
CA VAL A 239 4.78 25.35 9.06
C VAL A 239 5.56 25.89 10.25
N SER A 240 5.03 26.93 10.90
CA SER A 240 5.73 27.53 12.03
CA SER A 240 5.73 27.53 12.02
C SER A 240 5.94 26.51 13.13
N GLY A 241 7.16 26.40 13.59
CA GLY A 241 7.50 25.49 14.65
C GLY A 241 7.82 24.07 14.22
N ALA A 242 7.69 23.74 12.94
CA ALA A 242 8.03 22.39 12.50
C ALA A 242 9.54 22.18 12.52
N LYS A 243 9.94 20.95 12.84
CA LYS A 243 11.35 20.60 12.93
C LYS A 243 11.51 19.11 12.72
N SER A 244 12.71 18.73 12.30
CA SER A 244 13.08 17.32 12.24
C SER A 244 13.67 16.89 13.59
N SER A 245 13.09 15.85 14.16
CA SER A 245 13.47 15.34 15.47
C SER A 245 14.12 13.98 15.29
N SER A 246 15.41 13.88 15.63
CA SER A 246 16.07 12.59 15.59
CA SER A 246 16.08 12.59 15.60
C SER A 246 15.51 11.65 16.66
N SER A 247 15.10 12.18 17.80
CA SER A 247 14.60 11.32 18.86
C SER A 247 13.24 10.73 18.48
N VAL A 248 12.41 11.50 17.78
CA VAL A 248 11.12 10.97 17.36
C VAL A 248 11.26 10.17 16.07
N GLY A 249 12.17 10.54 15.20
CA GLY A 249 12.37 9.83 13.95
C GLY A 249 11.78 10.47 12.72
N GLY A 250 11.59 11.79 12.74
CA GLY A 250 11.10 12.49 11.57
C GLY A 250 10.65 13.89 11.93
N TYR A 251 10.03 14.53 10.95
CA TYR A 251 9.46 15.86 11.13
C TYR A 251 8.24 15.79 12.03
N VAL A 252 8.22 16.69 13.00
CA VAL A 252 7.09 16.93 13.90
C VAL A 252 6.72 18.38 13.76
N PHE A 253 5.50 18.70 14.21
CA PHE A 253 4.98 20.05 14.06
C PHE A 253 3.98 20.32 15.18
N PRO A 254 3.75 21.58 15.54
CA PRO A 254 2.79 21.88 16.62
C PRO A 254 1.41 21.41 16.22
N CYS A 255 0.75 20.68 17.13
CA CYS A 255 -0.58 20.18 16.78
C CYS A 255 -1.58 21.31 16.56
N SER A 256 -1.26 22.52 17.02
CA SER A 256 -2.10 23.69 16.78
C SER A 256 -2.00 24.26 15.37
N ALA A 257 -1.09 23.75 14.54
CA ALA A 257 -0.88 24.30 13.21
C ALA A 257 -1.99 23.91 12.23
N THR A 258 -2.19 24.77 11.24
CA THR A 258 -2.98 24.43 10.06
C THR A 258 -2.00 24.14 8.94
N LEU A 259 -2.05 22.92 8.39
CA LEU A 259 -1.00 22.51 7.46
C LEU A 259 -1.34 22.95 6.03
N PRO A 260 -0.35 23.36 5.25
CA PRO A 260 -0.58 23.60 3.82
C PRO A 260 -0.72 22.31 3.02
N SER A 261 -1.37 22.46 1.87
CA SER A 261 -1.49 21.34 0.94
C SER A 261 -0.12 21.04 0.31
N PHE A 262 -0.04 19.89 -0.35
CA PHE A 262 1.13 19.50 -1.13
C PHE A 262 0.66 18.96 -2.47
N THR A 263 1.22 19.48 -3.55
CA THR A 263 0.84 19.09 -4.91
C THR A 263 1.98 18.30 -5.52
N PHE A 264 1.66 17.19 -6.20
CA PHE A 264 2.65 16.46 -6.98
C PHE A 264 2.20 16.35 -8.43
N GLY A 265 3.17 16.35 -9.34
CA GLY A 265 2.88 16.29 -10.75
C GLY A 265 2.84 14.88 -11.31
N VAL A 266 1.90 14.65 -12.22
CA VAL A 266 1.78 13.43 -13.00
C VAL A 266 1.73 13.91 -14.44
N GLY A 267 2.84 13.80 -15.17
CA GLY A 267 2.90 14.48 -16.45
C GLY A 267 2.53 15.95 -16.27
N SER A 268 1.65 16.43 -17.13
CA SER A 268 1.19 17.82 -17.05
CA SER A 268 1.18 17.82 -17.06
C SER A 268 0.06 18.00 -16.05
N ALA A 269 -0.44 16.93 -15.44
CA ALA A 269 -1.51 17.02 -14.45
C ALA A 269 -0.95 17.20 -13.05
N ARG A 270 -1.85 17.50 -12.11
CA ARG A 270 -1.49 17.83 -10.75
C ARG A 270 -2.46 17.16 -9.79
N ILE A 271 -1.92 16.52 -8.75
CA ILE A 271 -2.71 15.93 -7.68
C ILE A 271 -2.44 16.73 -6.41
N VAL A 272 -3.50 17.22 -5.77
CA VAL A 272 -3.38 18.05 -4.57
C VAL A 272 -3.73 17.23 -3.34
N ILE A 273 -2.76 17.10 -2.43
CA ILE A 273 -2.98 16.47 -1.13
C ILE A 273 -3.40 17.57 -0.15
N PRO A 274 -4.64 17.58 0.35
CA PRO A 274 -5.02 18.60 1.33
C PRO A 274 -4.17 18.51 2.58
N GLY A 275 -3.95 19.67 3.21
CA GLY A 275 -3.09 19.71 4.37
C GLY A 275 -3.52 18.76 5.48
N ASP A 276 -4.83 18.58 5.67
CA ASP A 276 -5.27 17.72 6.77
C ASP A 276 -4.80 16.27 6.58
N TYR A 277 -4.58 15.85 5.33
CA TYR A 277 -4.08 14.49 5.07
C TYR A 277 -2.67 14.25 5.61
N ILE A 278 -1.94 15.33 5.91
CA ILE A 278 -0.55 15.28 6.32
C ILE A 278 -0.41 15.26 7.85
N ASP A 279 -1.53 15.33 8.58
CA ASP A 279 -1.52 15.34 10.05
C ASP A 279 -1.68 13.91 10.57
N PHE A 280 -0.65 13.37 11.23
CA PHE A 280 -0.71 12.03 11.83
C PHE A 280 -0.78 12.05 13.35
N GLY A 281 -1.17 13.18 13.91
CA GLY A 281 -1.59 13.23 15.30
C GLY A 281 -0.44 13.27 16.28
N PRO A 282 -0.78 13.33 17.57
CA PRO A 282 0.24 13.44 18.62
C PRO A 282 1.24 12.29 18.57
N ILE A 283 2.51 12.63 18.82
CA ILE A 283 3.58 11.61 18.78
C ILE A 283 3.37 10.56 19.86
N SER A 284 2.79 10.95 20.99
CA SER A 284 2.40 10.07 22.07
C SER A 284 1.12 10.65 22.63
N THR A 285 0.32 9.82 23.29
CA THR A 285 -0.97 10.27 23.80
C THR A 285 -0.84 11.54 24.65
N GLY A 286 -1.62 12.57 24.30
CA GLY A 286 -1.65 13.81 25.03
C GLY A 286 -0.57 14.81 24.68
N SER A 287 0.35 14.47 23.79
CA SER A 287 1.38 15.41 23.39
C SER A 287 0.79 16.49 22.48
N SER A 288 1.36 17.68 22.55
CA SER A 288 1.07 18.75 21.60
C SER A 288 2.05 18.80 20.42
N SER A 289 2.91 17.80 20.30
CA SER A 289 3.74 17.61 19.13
CA SER A 289 3.75 17.61 19.13
C SER A 289 3.11 16.55 18.25
N CYS A 290 2.88 16.88 16.99
CA CYS A 290 2.21 16.02 16.04
C CYS A 290 3.19 15.52 14.98
N PHE A 291 2.94 14.32 14.49
CA PHE A 291 3.85 13.69 13.54
C PHE A 291 3.43 14.00 12.10
N GLY A 292 4.42 14.38 11.28
CA GLY A 292 4.13 14.76 9.92
C GLY A 292 3.94 13.59 8.96
N GLY A 293 3.07 13.80 7.97
CA GLY A 293 2.81 12.77 6.99
C GLY A 293 3.66 12.81 5.76
N ILE A 294 4.53 13.82 5.66
CA ILE A 294 5.55 13.93 4.62
C ILE A 294 6.90 13.84 5.33
N GLN A 295 7.73 12.86 4.94
CA GLN A 295 9.00 12.59 5.59
C GLN A 295 10.09 12.38 4.55
N SER A 296 11.34 12.51 5.00
CA SER A 296 12.47 12.32 4.11
C SER A 296 12.67 10.86 3.77
N SER A 297 12.95 10.61 2.48
CA SER A 297 13.37 9.30 2.01
C SER A 297 14.88 9.09 2.09
N ALA A 298 15.63 10.07 2.58
N ALA A 298 15.63 10.05 2.62
CA ALA A 298 17.08 9.91 2.72
CA ALA A 298 17.08 10.02 2.48
C ALA A 298 17.37 8.80 3.70
C ALA A 298 17.71 8.75 3.02
N GLY A 299 18.12 7.79 3.25
N GLY A 299 17.13 8.16 4.08
CA GLY A 299 18.35 6.63 4.06
CA GLY A 299 17.70 6.96 4.66
C GLY A 299 17.41 5.47 3.78
C GLY A 299 17.18 5.65 4.10
N ILE A 300 16.28 5.71 3.11
CA ILE A 300 15.52 4.57 2.63
C ILE A 300 16.11 4.02 1.34
N GLY A 301 16.63 4.90 0.48
CA GLY A 301 17.13 4.51 -0.82
C GLY A 301 16.13 4.62 -1.96
N ILE A 302 14.88 4.97 -1.66
CA ILE A 302 13.84 5.10 -2.69
C ILE A 302 12.80 6.08 -2.18
N ASN A 303 12.20 6.85 -3.10
CA ASN A 303 11.05 7.68 -2.74
C ASN A 303 9.78 6.83 -2.79
N ILE A 304 8.84 7.11 -1.89
CA ILE A 304 7.64 6.27 -1.74
C ILE A 304 6.40 7.16 -1.72
N PHE A 305 5.55 7.00 -2.74
CA PHE A 305 4.22 7.59 -2.77
C PHE A 305 3.29 6.60 -2.05
N GLY A 306 3.23 6.73 -0.74
CA GLY A 306 2.38 5.92 0.09
C GLY A 306 0.97 6.48 0.22
N ASP A 307 0.24 5.98 1.21
CA ASP A 307 -1.18 6.26 1.30
C ASP A 307 -1.48 7.76 1.34
N VAL A 308 -0.66 8.55 2.03
CA VAL A 308 -0.89 10.00 2.10
C VAL A 308 -1.09 10.61 0.72
N ALA A 309 -0.27 10.18 -0.24
CA ALA A 309 -0.38 10.68 -1.59
C ALA A 309 -1.48 9.93 -2.36
N LEU A 310 -1.50 8.60 -2.24
CA LEU A 310 -2.42 7.83 -3.09
C LEU A 310 -3.89 8.11 -2.74
N LYS A 311 -4.20 8.37 -1.47
CA LYS A 311 -5.58 8.61 -1.08
CA LYS A 311 -5.60 8.60 -1.13
C LYS A 311 -6.13 9.93 -1.63
N ALA A 312 -5.27 10.82 -2.13
CA ALA A 312 -5.74 12.04 -2.77
C ALA A 312 -6.14 11.80 -4.22
N ALA A 313 -5.99 10.57 -4.74
CA ALA A 313 -6.24 10.30 -6.15
C ALA A 313 -7.03 9.00 -6.32
N PHE A 314 -7.54 8.84 -7.53
CA PHE A 314 -8.01 7.58 -8.07
C PHE A 314 -6.85 7.04 -8.90
N VAL A 315 -6.34 5.86 -8.55
CA VAL A 315 -5.08 5.37 -9.10
C VAL A 315 -5.34 4.08 -9.87
N VAL A 316 -4.88 4.05 -11.11
CA VAL A 316 -4.99 2.89 -11.99
C VAL A 316 -3.65 2.20 -12.07
N PHE A 317 -3.62 0.92 -11.68
CA PHE A 317 -2.46 0.04 -11.84
C PHE A 317 -2.75 -0.79 -13.09
N ASN A 318 -2.18 -0.36 -14.21
CA ASN A 318 -2.44 -0.97 -15.52
C ASN A 318 -1.40 -2.05 -15.76
N GLY A 319 -1.84 -3.31 -15.76
CA GLY A 319 -0.97 -4.46 -15.94
C GLY A 319 -0.95 -5.01 -17.36
N ALA A 320 -1.19 -4.15 -18.35
CA ALA A 320 -0.98 -4.50 -19.74
C ALA A 320 0.47 -4.95 -19.97
N THR A 321 0.72 -5.48 -21.17
CA THR A 321 2.05 -5.98 -21.50
C THR A 321 3.14 -4.96 -21.15
N THR A 322 2.91 -3.68 -21.47
CA THR A 322 3.76 -2.62 -20.95
C THR A 322 2.98 -1.93 -19.84
N PRO A 323 3.30 -2.16 -18.56
CA PRO A 323 2.49 -1.56 -17.49
C PRO A 323 2.63 -0.06 -17.46
N THR A 324 1.57 0.60 -16.99
CA THR A 324 1.59 2.04 -16.73
C THR A 324 0.78 2.30 -15.47
N LEU A 325 0.92 3.52 -14.94
N LEU A 325 0.79 3.57 -15.04
CA LEU A 325 0.11 4.02 -13.84
CA LEU A 325 0.14 4.02 -13.82
C LEU A 325 -0.76 5.16 -14.35
C LEU A 325 -0.68 5.27 -14.12
N GLY A 326 -1.97 5.24 -13.80
CA GLY A 326 -2.86 6.36 -14.05
C GLY A 326 -3.29 7.04 -12.76
N PHE A 327 -3.36 8.38 -12.80
CA PHE A 327 -3.85 9.15 -11.66
C PHE A 327 -4.92 10.13 -12.10
N ALA A 328 -6.00 10.21 -11.33
CA ALA A 328 -7.01 11.23 -11.53
C ALA A 328 -7.35 11.86 -10.19
N SER A 329 -7.81 13.11 -10.25
CA SER A 329 -8.38 13.73 -9.06
C SER A 329 -9.76 13.13 -8.79
N LYS A 330 -10.27 13.35 -7.59
CA LYS A 330 -11.57 12.75 -7.24
C LYS A 330 -12.29 13.59 -6.21
C01 A1CGN B . -17.53 2.71 0.03
C02 A1CGN B . -16.31 2.99 -0.83
C04 A1CGN B . -15.00 4.96 -1.65
C06 A1CGN B . -14.65 6.43 -1.41
C07 A1CGN B . -14.55 7.35 -2.67
C09 A1CGN B . -13.11 6.68 -1.19
N03 A1CGN B . -15.89 4.39 -0.72
N08 A1CGN B . -13.14 7.78 -2.24
O05 A1CGN B . -14.54 4.29 -2.61
C01 A1CGN C . 9.46 -6.69 -0.65
C02 A1CGN C . 9.71 -5.42 0.16
C04 A1CGN C . 8.40 -3.45 0.87
C06 A1CGN C . 7.23 -2.50 0.54
C07 A1CGN C . 6.77 -1.45 1.59
C09 A1CGN C . 5.87 -3.20 0.80
N03 A1CGN C . 8.63 -4.46 -0.04
N08 A1CGN C . 5.28 -1.89 1.25
O05 A1CGN C . 9.13 -3.37 1.89
C1 GOL D . -18.90 3.45 9.32
O1 GOL D . -18.89 4.40 8.29
C2 GOL D . -18.19 2.19 8.85
O2 GOL D . -18.39 2.00 7.46
C3 GOL D . -16.70 2.26 9.14
O3 GOL D . -16.13 1.13 8.52
H11 GOL D . -18.44 3.78 10.11
H12 GOL D . -19.80 3.22 9.58
HO1 GOL D . -19.14 4.03 7.57
H2 GOL D . -18.58 1.46 9.36
HO2 GOL D . -17.67 1.71 7.14
H31 GOL D . -16.34 3.08 8.79
H32 GOL D . -16.56 2.25 10.09
HO3 GOL D . -15.28 1.21 8.53
S DMS E . 9.28 -4.98 14.44
O DMS E . 8.27 -5.92 13.77
C1 DMS E . 10.83 -5.90 14.61
C2 DMS E . 9.80 -3.75 13.23
H11 DMS E . 10.68 -6.84 14.48
H12 DMS E . 11.19 -5.76 15.50
H13 DMS E . 11.46 -5.58 13.95
H21 DMS E . 9.23 -2.97 13.30
H22 DMS E . 9.74 -4.13 12.34
H23 DMS E . 10.72 -3.49 13.41
C1 GOL F . 10.70 5.47 -13.28
O1 GOL F . 11.88 4.89 -12.77
C2 GOL F . 10.93 5.87 -14.72
O2 GOL F . 11.86 4.99 -15.31
C3 GOL F . 9.64 5.84 -15.51
O3 GOL F . 9.84 6.69 -16.61
H11 GOL F . 9.95 4.86 -13.24
H12 GOL F . 10.44 6.26 -12.77
HO1 GOL F . 11.81 4.86 -11.92
H2 GOL F . 11.27 6.77 -14.71
HO2 GOL F . 11.49 4.22 -15.38
H31 GOL F . 9.44 4.93 -15.78
H32 GOL F . 8.91 6.14 -14.95
HO3 GOL F . 10.39 6.33 -17.15
C1 PEG G . 11.28 -19.68 6.19
O1 PEG G . 12.43 -19.85 5.40
C2 PEG G . 10.43 -20.94 6.19
O2 PEG G . 10.09 -21.33 7.49
C3 PEG G . 9.07 -22.29 7.53
C4 PEG G . 9.59 -23.69 7.44
O4 PEG G . 8.49 -24.57 7.28
H11 PEG G . 10.73 -18.95 5.86
H12 PEG G . 11.50 -19.47 7.10
HO1 PEG G . 12.23 -19.66 4.59
H21 PEG G . 9.64 -20.76 5.66
H22 PEG G . 10.92 -21.63 5.72
H31 PEG G . 8.56 -22.19 8.35
H32 PEG G . 8.44 -22.13 6.81
H41 PEG G . 10.22 -23.73 6.71
H42 PEG G . 10.09 -23.87 8.25
HO4 PEG G . 8.79 -25.35 7.12
#